data_9ELG
#
_entry.id   9ELG
#
_cell.length_a   1.00
_cell.length_b   1.00
_cell.length_c   1.00
_cell.angle_alpha   90.00
_cell.angle_beta   90.00
_cell.angle_gamma   90.00
#
_symmetry.space_group_name_H-M   'P 1'
#
loop_
_entity.id
_entity.type
_entity.pdbx_description
1 polymer 'Spike protein S1'
2 polymer 'Spike protein S1'
3 branched 2-acetamido-2-deoxy-beta-D-glucopyranose-(1-4)-2-acetamido-2-deoxy-beta-D-glucopyranose
4 non-polymer 2-acetamido-2-deoxy-beta-D-glucopyranose
#
loop_
_entity_poly.entity_id
_entity_poly.type
_entity_poly.pdbx_seq_one_letter_code
_entity_poly.pdbx_strand_id
1 'polypeptide(L)'
;MFVFLVLLPLVSSQCVNLITTTQSYTNFTRGVYYPDKVFRSSVLHLTQDLFLPFFSNVTWFHAISGTNGTKRFDNPVLPF
NDGVYFASTEKSNIIRGWIFGTTLDSKTQSLLIVNNATNVFIKVCEFQFCNDPFLDVYHKNNKSWMESESGVYSSANNCT
FEYVSQPFLMDLEGKQGNFKNLREFVFKNIDGYFKIYSKHTPIIGRDFPQGFSALEPLVDLPIGINITRFQTLLALNRSY
LTPGDSSSGWTAGAADYYVGYLQPRTFLLKYNENGTITDAVDCAL
;
A
2 'polypeptide(L)'
;FRVQPTESIVRFPNVTNLCPFHEVFNATRFASVYAWNRTRISNCVADYSVLYNFAPFFAFKCYGVSPTKLNDLCFTNVYA
DSFVIKGNEVSQIAPGQTGNIADYNYKLPDDFTGCVIAWNSNKLDSKHSGNYDYWYRSLRKSKLKPFERDISTEIYQAGN
KPCKGKGPNCYFPLESYGFRPTYGVGHQPYRVVVLSFELLHAPATVCGPKKSTNLVKNKCVNFNFNGLTGTGVLTKSNKK
FLPFQQFGRDIVDTTDAVRDPQTLEILDITPC
;
C
#
loop_
_chem_comp.id
_chem_comp.type
_chem_comp.name
_chem_comp.formula
NAG D-saccharide, beta linking 2-acetamido-2-deoxy-beta-D-glucopyranose 'C8 H15 N O6'
#
# COMPACT_ATOMS: atom_id res chain seq x y z
N THR A 20 13.52 -25.68 3.67
CA THR A 20 14.18 -26.80 4.31
C THR A 20 13.71 -28.03 3.51
N THR A 21 13.00 -28.96 4.14
CA THR A 21 12.46 -30.14 3.48
C THR A 21 10.96 -30.00 3.60
N THR A 22 10.23 -30.12 2.48
CA THR A 22 8.82 -29.75 2.48
C THR A 22 7.90 -30.94 2.34
N GLN A 23 7.09 -31.17 3.38
CA GLN A 23 5.98 -32.11 3.29
C GLN A 23 4.79 -31.31 2.76
N SER A 24 3.70 -31.96 2.34
CA SER A 24 2.50 -31.23 1.99
C SER A 24 1.37 -31.63 2.93
N TYR A 25 0.47 -30.67 3.16
CA TYR A 25 -0.64 -30.82 4.10
C TYR A 25 -1.90 -30.48 3.33
N THR A 26 -2.96 -31.25 3.56
CA THR A 26 -4.14 -31.07 2.74
C THR A 26 -5.21 -30.71 3.61
N ASN A 27 -4.88 -30.51 4.81
CA ASN A 27 -6.09 -30.27 5.57
C ASN A 27 -5.92 -29.05 6.41
N PHE A 28 -5.90 -27.91 5.78
CA PHE A 28 -5.92 -26.74 6.64
C PHE A 28 -7.12 -26.00 6.30
N THR A 29 -7.94 -25.78 7.28
CA THR A 29 -9.14 -25.00 7.10
C THR A 29 -8.91 -23.67 7.75
N ARG A 30 -7.97 -22.91 7.28
CA ARG A 30 -7.50 -21.71 7.96
C ARG A 30 -7.20 -20.68 6.89
N GLY A 31 -6.94 -19.44 7.32
CA GLY A 31 -6.59 -18.38 6.42
C GLY A 31 -7.68 -17.39 6.09
N VAL A 32 -8.80 -17.43 6.81
CA VAL A 32 -9.86 -16.46 6.60
C VAL A 32 -9.51 -15.21 7.39
N TYR A 33 -9.79 -14.05 6.81
CA TYR A 33 -9.45 -12.77 7.42
C TYR A 33 -10.56 -11.79 7.11
N TYR A 34 -10.60 -10.71 7.87
CA TYR A 34 -11.63 -9.71 7.63
C TYR A 34 -11.33 -9.05 6.29
N PRO A 35 -12.19 -9.17 5.28
CA PRO A 35 -11.85 -8.62 3.95
C PRO A 35 -12.00 -7.12 3.85
N ASP A 36 -12.57 -6.46 4.86
CA ASP A 36 -12.88 -5.04 4.78
C ASP A 36 -12.67 -4.41 6.15
N LYS A 37 -12.93 -3.11 6.22
CA LYS A 37 -12.73 -2.32 7.43
C LYS A 37 -14.05 -1.85 8.03
N VAL A 38 -15.16 -2.53 7.70
CA VAL A 38 -16.51 -2.16 8.12
C VAL A 38 -17.11 -3.23 9.05
N PHE A 39 -17.61 -2.79 10.20
CA PHE A 39 -18.18 -3.69 11.21
C PHE A 39 -19.51 -4.27 10.75
N ARG A 40 -19.66 -5.58 10.94
CA ARG A 40 -20.92 -6.27 10.70
C ARG A 40 -21.13 -7.24 11.86
N SER A 41 -22.39 -7.49 12.22
CA SER A 41 -22.68 -8.48 13.25
C SER A 41 -23.99 -9.18 12.93
N SER A 42 -24.05 -10.46 13.28
CA SER A 42 -25.19 -11.32 12.96
C SER A 42 -25.50 -11.25 11.46
N VAL A 43 -24.46 -11.42 10.64
CA VAL A 43 -24.58 -11.29 9.19
C VAL A 43 -23.91 -12.45 8.48
N LEU A 44 -24.61 -12.97 7.46
CA LEU A 44 -24.05 -13.92 6.51
C LEU A 44 -23.59 -13.07 5.33
N HIS A 45 -22.28 -12.89 5.19
CA HIS A 45 -21.74 -11.98 4.18
C HIS A 45 -21.05 -12.78 3.09
N LEU A 46 -21.34 -12.44 1.85
CA LEU A 46 -20.74 -13.08 0.69
C LEU A 46 -19.71 -12.12 0.11
N THR A 47 -18.48 -12.61 -0.07
CA THR A 47 -17.42 -11.77 -0.61
C THR A 47 -16.50 -12.58 -1.50
N GLN A 48 -15.91 -11.90 -2.48
CA GLN A 48 -14.97 -12.49 -3.41
C GLN A 48 -13.63 -11.79 -3.20
N ASP A 49 -12.63 -12.55 -2.77
CA ASP A 49 -11.34 -11.97 -2.46
C ASP A 49 -10.30 -13.08 -2.51
N LEU A 50 -9.04 -12.72 -2.24
CA LEU A 50 -7.98 -13.72 -2.21
C LEU A 50 -7.97 -14.38 -0.84
N PHE A 51 -8.19 -15.69 -0.82
CA PHE A 51 -8.24 -16.47 0.40
C PHE A 51 -7.47 -17.77 0.20
N LEU A 52 -7.02 -18.35 1.28
CA LEU A 52 -6.44 -19.68 1.19
C LEU A 52 -7.61 -20.63 0.97
N PRO A 53 -7.65 -21.43 -0.09
CA PRO A 53 -8.77 -22.35 -0.24
C PRO A 53 -8.79 -23.38 0.88
N PHE A 54 -9.98 -23.86 1.21
CA PHE A 54 -10.08 -24.91 2.20
C PHE A 54 -9.59 -26.21 1.60
N PHE A 55 -8.89 -27.00 2.40
CA PHE A 55 -8.31 -28.27 1.94
C PHE A 55 -7.29 -28.02 0.82
N SER A 56 -6.58 -26.90 0.91
CA SER A 56 -5.54 -26.56 -0.05
C SER A 56 -4.25 -27.32 0.23
N ASN A 57 -3.35 -27.25 -0.74
CA ASN A 57 -2.02 -27.86 -0.66
C ASN A 57 -1.09 -26.87 0.03
N VAL A 58 -0.79 -27.12 1.31
CA VAL A 58 0.00 -26.22 2.14
C VAL A 58 1.33 -26.92 2.46
N THR A 59 2.45 -26.28 2.17
CA THR A 59 3.75 -26.93 2.37
C THR A 59 4.22 -26.71 3.81
N TRP A 60 4.64 -27.81 4.45
CA TRP A 60 5.18 -27.81 5.80
C TRP A 60 6.70 -27.87 5.76
N PHE A 61 7.34 -26.85 6.34
CA PHE A 61 8.79 -26.72 6.42
C PHE A 61 9.17 -27.07 7.86
N HIS A 62 10.07 -28.03 8.01
CA HIS A 62 10.53 -28.51 9.32
C HIS A 62 12.05 -28.58 9.37
N ALA A 63 12.69 -27.66 10.11
CA ALA A 63 14.14 -27.65 10.21
C ALA A 63 14.60 -27.81 11.65
N ILE A 64 15.68 -28.56 11.84
CA ILE A 64 16.35 -28.73 13.12
C ILE A 64 17.71 -28.07 12.94
N SER A 65 18.19 -27.37 13.95
CA SER A 65 19.48 -26.69 13.84
C SER A 65 20.49 -27.32 14.79
N GLY A 69 25.83 -28.73 10.12
CA GLY A 69 25.60 -28.45 11.52
C GLY A 69 24.68 -27.26 11.74
N THR A 70 24.88 -26.22 10.93
CA THR A 70 24.31 -24.91 11.26
C THR A 70 22.79 -24.98 11.29
N LYS A 71 22.18 -25.64 10.32
CA LYS A 71 20.75 -25.67 10.12
C LYS A 71 20.46 -26.93 9.33
N ARG A 72 19.19 -27.33 9.27
CA ARG A 72 18.90 -28.59 8.59
C ARG A 72 19.29 -28.53 7.12
N PHE A 73 18.94 -27.44 6.45
CA PHE A 73 19.40 -27.16 5.10
C PHE A 73 19.28 -25.65 4.89
N ASP A 74 20.03 -25.13 3.93
CA ASP A 74 20.04 -23.68 3.71
C ASP A 74 18.67 -23.22 3.25
N ASN A 75 18.24 -22.06 3.76
CA ASN A 75 16.88 -21.57 3.54
C ASN A 75 16.52 -21.55 2.05
N PRO A 76 15.36 -22.09 1.66
CA PRO A 76 14.87 -21.91 0.28
C PRO A 76 14.15 -20.59 0.09
N VAL A 77 14.13 -20.14 -1.15
CA VAL A 77 13.37 -18.95 -1.54
C VAL A 77 12.10 -19.46 -2.21
N LEU A 78 10.96 -18.96 -1.76
CA LEU A 78 9.66 -19.41 -2.21
C LEU A 78 8.99 -18.41 -3.16
N PRO A 79 8.14 -18.86 -4.08
CA PRO A 79 7.40 -17.90 -4.89
C PRO A 79 6.36 -17.19 -4.05
N PHE A 80 6.00 -15.98 -4.45
CA PHE A 80 4.95 -15.24 -3.76
C PHE A 80 3.57 -15.47 -4.37
N ASN A 81 3.50 -15.60 -5.70
CA ASN A 81 2.26 -15.73 -6.44
C ASN A 81 1.29 -14.60 -6.12
N ASP A 82 0.06 -14.90 -5.67
CA ASP A 82 -0.94 -13.87 -5.41
C ASP A 82 -0.88 -13.34 -3.98
N GLY A 83 -0.45 -14.18 -3.05
CA GLY A 83 -0.38 -13.82 -1.65
C GLY A 83 0.04 -15.05 -0.89
N VAL A 84 0.52 -14.82 0.34
CA VAL A 84 1.10 -15.89 1.13
C VAL A 84 0.44 -16.01 2.49
N TYR A 85 0.11 -17.24 2.86
CA TYR A 85 -0.35 -17.59 4.20
C TYR A 85 0.85 -18.22 4.90
N PHE A 86 1.26 -17.67 6.03
CA PHE A 86 2.42 -18.13 6.77
C PHE A 86 1.98 -18.42 8.18
N ALA A 87 2.41 -19.55 8.74
CA ALA A 87 2.06 -19.84 10.12
C ALA A 87 3.16 -20.65 10.77
N SER A 88 3.32 -20.51 12.08
CA SER A 88 4.29 -21.34 12.78
C SER A 88 3.88 -21.53 14.23
N THR A 89 4.34 -22.63 14.81
CA THR A 89 4.15 -22.94 16.22
C THR A 89 5.55 -23.20 16.78
N GLU A 90 6.31 -22.13 16.94
CA GLU A 90 7.71 -22.18 17.29
C GLU A 90 7.96 -21.75 18.73
N LYS A 91 8.58 -22.63 19.52
CA LYS A 91 8.86 -22.34 20.92
C LYS A 91 10.20 -21.64 21.10
N SER A 92 11.13 -21.78 20.15
CA SER A 92 12.46 -21.20 20.24
C SER A 92 12.52 -19.74 19.81
N ASN A 93 11.46 -19.21 19.19
CA ASN A 93 11.42 -17.84 18.71
C ASN A 93 12.60 -17.49 17.80
N ILE A 94 12.83 -18.33 16.80
CA ILE A 94 13.89 -18.09 15.82
C ILE A 94 13.38 -17.28 14.63
N ILE A 95 12.18 -17.57 14.13
CA ILE A 95 11.68 -16.82 12.98
C ILE A 95 11.30 -15.42 13.44
N ARG A 96 11.97 -14.41 12.91
CA ARG A 96 11.70 -13.03 13.32
C ARG A 96 11.76 -12.11 12.11
N GLY A 97 11.11 -12.48 11.02
CA GLY A 97 11.10 -11.62 9.85
C GLY A 97 11.07 -12.37 8.54
N TRP A 98 10.83 -11.59 7.50
CA TRP A 98 10.68 -12.03 6.11
C TRP A 98 11.37 -11.03 5.19
N ILE A 99 11.79 -11.52 4.03
CA ILE A 99 12.37 -10.70 2.96
C ILE A 99 11.47 -10.87 1.75
N PHE A 100 11.01 -9.76 1.16
CA PHE A 100 10.16 -9.77 -0.01
C PHE A 100 10.75 -8.95 -1.15
N GLY A 101 10.61 -9.44 -2.38
CA GLY A 101 11.06 -8.68 -3.52
C GLY A 101 11.07 -9.54 -4.78
N THR A 102 11.89 -9.12 -5.75
CA THR A 102 11.98 -9.83 -7.02
C THR A 102 13.28 -10.60 -7.09
N THR A 103 14.38 -9.89 -7.37
CA THR A 103 15.68 -10.53 -7.48
C THR A 103 16.32 -10.77 -6.11
N LEU A 104 15.96 -9.97 -5.10
CA LEU A 104 16.54 -10.11 -3.76
C LEU A 104 18.05 -9.88 -3.84
N ASP A 105 18.45 -8.88 -4.62
CA ASP A 105 19.85 -8.49 -4.71
C ASP A 105 19.90 -6.96 -4.87
N SER A 106 21.09 -6.41 -5.10
CA SER A 106 21.25 -4.96 -5.19
C SER A 106 20.62 -4.34 -6.44
N LYS A 107 20.18 -5.15 -7.40
CA LYS A 107 19.67 -4.59 -8.65
C LYS A 107 18.27 -3.99 -8.51
N THR A 108 17.46 -4.42 -7.53
CA THR A 108 16.10 -3.91 -7.35
C THR A 108 15.83 -3.56 -5.90
N GLN A 109 14.75 -2.80 -5.71
CA GLN A 109 14.26 -2.42 -4.40
C GLN A 109 13.52 -3.58 -3.76
N SER A 110 13.72 -3.75 -2.45
CA SER A 110 13.07 -4.84 -1.72
C SER A 110 12.68 -4.41 -0.30
N LEU A 111 11.78 -5.24 0.26
CA LEU A 111 11.16 -5.06 1.57
C LEU A 111 11.76 -6.02 2.59
N LEU A 112 12.30 -5.48 3.67
CA LEU A 112 12.85 -6.26 4.77
C LEU A 112 11.98 -6.02 6.00
N ILE A 113 11.36 -7.08 6.51
CA ILE A 113 10.52 -7.02 7.70
C ILE A 113 11.22 -7.87 8.74
N VAL A 114 11.63 -7.27 9.86
CA VAL A 114 12.30 -8.01 10.91
C VAL A 114 11.63 -7.71 12.24
N ASN A 115 11.67 -8.71 13.12
CA ASN A 115 11.13 -8.62 14.47
C ASN A 115 12.29 -8.73 15.45
N ASN A 116 12.19 -8.05 16.59
CA ASN A 116 13.19 -8.23 17.64
C ASN A 116 12.49 -8.14 19.00
N ALA A 117 13.31 -8.20 20.05
CA ALA A 117 12.81 -8.25 21.42
C ALA A 117 11.94 -7.05 21.80
N THR A 118 12.15 -5.88 21.17
CA THR A 118 11.43 -4.67 21.55
C THR A 118 10.52 -4.10 20.48
N ASN A 119 10.76 -4.35 19.20
CA ASN A 119 9.98 -3.70 18.14
C ASN A 119 9.99 -4.58 16.90
N VAL A 120 9.28 -4.09 15.87
CA VAL A 120 9.27 -4.63 14.53
C VAL A 120 9.74 -3.53 13.61
N PHE A 121 10.81 -3.81 12.86
CA PHE A 121 11.43 -2.85 11.96
C PHE A 121 11.17 -3.26 10.52
N ILE A 122 10.48 -2.40 9.77
CA ILE A 122 10.17 -2.62 8.37
C ILE A 122 10.92 -1.58 7.56
N LYS A 123 11.74 -2.02 6.62
CA LYS A 123 12.53 -1.13 5.80
C LYS A 123 12.40 -1.50 4.34
N VAL A 124 12.22 -0.50 3.48
CA VAL A 124 12.20 -0.69 2.04
C VAL A 124 13.34 0.12 1.48
N CYS A 125 14.28 -0.59 0.84
CA CYS A 125 15.56 -0.08 0.36
C CYS A 125 16.06 -1.02 -0.72
N GLU A 126 17.18 -0.65 -1.33
CA GLU A 126 17.83 -1.49 -2.32
C GLU A 126 18.94 -2.20 -1.56
N PHE A 127 18.69 -3.45 -1.20
CA PHE A 127 19.53 -4.25 -0.33
C PHE A 127 20.40 -5.16 -1.17
N GLN A 128 21.50 -5.60 -0.56
CA GLN A 128 22.35 -6.65 -1.11
C GLN A 128 22.46 -7.71 -0.03
N PHE A 129 21.41 -8.54 0.11
CA PHE A 129 21.47 -9.58 1.11
C PHE A 129 22.57 -10.58 0.82
N CYS A 130 23.22 -11.04 1.87
CA CYS A 130 24.39 -11.90 1.73
C CYS A 130 23.93 -13.28 1.25
N ASN A 131 24.87 -14.05 0.70
CA ASN A 131 24.60 -15.43 0.30
C ASN A 131 23.83 -16.22 1.37
N ASP A 132 24.26 -16.13 2.64
CA ASP A 132 23.57 -16.76 3.77
C ASP A 132 22.56 -15.78 4.37
N PRO A 133 21.25 -15.92 4.09
CA PRO A 133 20.31 -14.86 4.54
C PRO A 133 20.19 -14.73 6.04
N PHE A 134 20.24 -15.85 6.76
CA PHE A 134 19.89 -15.90 8.16
C PHE A 134 20.73 -15.00 9.08
N LEU A 135 20.04 -14.35 10.02
CA LEU A 135 20.66 -13.46 11.00
C LEU A 135 21.56 -14.25 11.95
N ASP A 136 22.60 -13.61 12.46
CA ASP A 136 23.41 -14.18 13.53
C ASP A 136 23.08 -13.42 14.81
N VAL A 137 22.64 -14.15 15.85
CA VAL A 137 22.22 -13.60 17.13
C VAL A 137 23.27 -13.95 18.18
N TYR A 138 24.04 -12.97 18.64
CA TYR A 138 25.11 -13.25 19.59
C TYR A 138 25.31 -12.07 20.54
N MET A 146 23.09 -9.65 21.50
CA MET A 146 22.83 -8.62 20.50
C MET A 146 22.45 -9.27 19.17
N GLU A 147 22.24 -8.43 18.16
CA GLU A 147 21.99 -8.86 16.79
C GLU A 147 22.83 -8.00 15.88
N SER A 148 23.38 -8.62 14.83
CA SER A 148 24.20 -7.92 13.84
C SER A 148 23.44 -7.83 12.52
N GLU A 149 23.20 -6.60 12.08
CA GLU A 149 22.48 -6.38 10.83
C GLU A 149 23.27 -6.91 9.64
N SER A 150 24.61 -6.85 9.73
CA SER A 150 25.48 -7.26 8.64
C SER A 150 25.36 -8.75 8.32
N GLY A 151 24.71 -9.55 9.18
CA GLY A 151 24.54 -10.94 8.84
C GLY A 151 23.42 -11.20 7.86
N VAL A 152 22.56 -10.21 7.62
CA VAL A 152 21.46 -10.35 6.68
C VAL A 152 21.86 -9.82 5.32
N TYR A 153 22.43 -8.62 5.32
CA TYR A 153 22.91 -7.98 4.10
C TYR A 153 24.22 -7.26 4.34
N SER A 154 25.00 -7.15 3.28
CA SER A 154 26.29 -6.48 3.36
C SER A 154 26.08 -4.97 3.39
N SER A 155 25.17 -4.47 2.56
CA SER A 155 24.90 -3.05 2.46
C SER A 155 23.52 -2.85 1.85
N ALA A 156 23.04 -1.62 1.94
CA ALA A 156 21.80 -1.21 1.31
C ALA A 156 21.89 0.28 1.03
N ASN A 157 21.23 0.73 -0.04
CA ASN A 157 21.19 2.15 -0.36
C ASN A 157 19.88 2.48 -1.06
N ASN A 158 19.70 3.77 -1.36
CA ASN A 158 18.50 4.29 -2.00
C ASN A 158 17.23 3.89 -1.23
N CYS A 159 17.25 4.12 0.08
CA CYS A 159 16.11 3.78 0.95
C CYS A 159 14.99 4.79 0.81
N THR A 160 13.77 4.27 0.73
CA THR A 160 12.58 5.10 0.58
C THR A 160 11.55 4.91 1.69
N PHE A 161 11.59 3.84 2.48
CA PHE A 161 10.56 3.70 3.50
C PHE A 161 11.09 3.03 4.76
N GLU A 162 10.71 3.57 5.92
CA GLU A 162 10.99 2.94 7.22
C GLU A 162 9.74 3.04 8.08
N TYR A 163 9.47 2.00 8.87
CA TYR A 163 8.31 2.01 9.76
C TYR A 163 8.58 1.09 10.93
N VAL A 164 8.09 1.45 12.13
CA VAL A 164 8.26 0.65 13.33
C VAL A 164 6.91 0.31 13.95
N SER A 165 6.73 -0.97 14.29
CA SER A 165 5.54 -1.51 14.97
C SER A 165 5.95 -2.23 16.26
N GLN A 166 4.94 -2.76 16.96
CA GLN A 166 5.14 -3.56 18.16
C GLN A 166 5.49 -5.00 17.78
N PRO A 167 6.14 -5.76 18.68
CA PRO A 167 6.49 -7.15 18.36
C PRO A 167 5.29 -8.00 17.97
N PHE A 168 5.49 -8.88 16.98
CA PHE A 168 4.48 -9.79 16.49
C PHE A 168 4.75 -11.14 17.15
N LEU A 169 4.13 -11.36 18.30
CA LEU A 169 4.41 -12.54 19.13
C LEU A 169 3.11 -13.27 19.48
N LYS A 180 2.52 -23.29 23.38
CA LYS A 180 2.53 -21.86 23.67
C LYS A 180 1.54 -21.13 22.75
N ASN A 181 2.00 -20.57 21.62
CA ASN A 181 1.11 -19.85 20.72
C ASN A 181 1.49 -20.15 19.28
N LEU A 182 0.47 -20.26 18.43
CA LEU A 182 0.63 -20.39 16.99
C LEU A 182 0.45 -19.00 16.37
N ARG A 183 1.46 -18.55 15.66
CA ARG A 183 1.51 -17.23 15.03
C ARG A 183 1.17 -17.37 13.55
N GLU A 184 0.10 -16.73 13.11
CA GLU A 184 -0.39 -16.81 11.74
C GLU A 184 -0.35 -15.42 11.12
N PHE A 185 0.10 -15.34 9.87
CA PHE A 185 0.19 -14.11 9.11
C PHE A 185 -0.32 -14.35 7.70
N VAL A 186 -0.94 -13.34 7.10
CA VAL A 186 -1.25 -13.31 5.67
C VAL A 186 -0.62 -12.07 5.07
N PHE A 187 0.13 -12.26 3.99
CA PHE A 187 0.85 -11.20 3.29
C PHE A 187 0.23 -11.06 1.90
N LYS A 188 -0.48 -9.95 1.67
CA LYS A 188 -1.14 -9.70 0.39
C LYS A 188 -0.56 -8.44 -0.24
N ASN A 189 -0.25 -8.49 -1.53
CA ASN A 189 0.33 -7.36 -2.26
C ASN A 189 -0.67 -6.93 -3.33
N ILE A 190 -1.50 -5.93 -3.00
CA ILE A 190 -2.62 -5.53 -3.84
C ILE A 190 -2.55 -4.03 -4.13
N ASP A 191 -2.56 -3.68 -5.42
CA ASP A 191 -2.59 -2.30 -5.90
C ASP A 191 -1.51 -1.41 -5.28
N GLY A 192 -0.32 -1.96 -5.07
CA GLY A 192 0.78 -1.20 -4.52
C GLY A 192 0.88 -1.21 -3.01
N TYR A 193 -0.13 -1.75 -2.32
CA TYR A 193 -0.16 -1.82 -0.87
C TYR A 193 0.18 -3.22 -0.40
N PHE A 194 1.10 -3.29 0.56
CA PHE A 194 1.49 -4.55 1.18
C PHE A 194 0.72 -4.64 2.49
N LYS A 195 -0.30 -5.50 2.51
CA LYS A 195 -1.21 -5.63 3.63
C LYS A 195 -0.84 -6.88 4.41
N ILE A 196 -0.61 -6.72 5.71
CA ILE A 196 -0.25 -7.82 6.60
C ILE A 196 -1.40 -7.98 7.57
N TYR A 197 -1.90 -9.21 7.67
CA TYR A 197 -2.95 -9.64 8.58
C TYR A 197 -2.31 -10.63 9.54
N SER A 198 -2.80 -10.72 10.77
CA SER A 198 -2.22 -11.74 11.65
C SER A 198 -3.17 -12.12 12.78
N LYS A 199 -2.84 -13.25 13.40
CA LYS A 199 -3.52 -13.75 14.61
C LYS A 199 -2.53 -14.57 15.41
N HIS A 200 -2.70 -14.58 16.74
CA HIS A 200 -1.91 -15.39 17.66
C HIS A 200 -2.87 -16.25 18.46
N THR A 201 -2.90 -17.57 18.19
CA THR A 201 -3.87 -18.48 18.79
C THR A 201 -3.18 -19.46 19.74
N PRO A 202 -3.53 -19.55 21.03
CA PRO A 202 -2.83 -20.48 21.91
C PRO A 202 -3.11 -21.94 21.55
N ILE A 203 -2.09 -22.78 21.69
CA ILE A 203 -2.19 -24.23 21.51
C ILE A 203 -1.60 -24.92 22.73
N ILE A 204 -2.36 -25.87 23.29
CA ILE A 204 -1.93 -26.65 24.43
C ILE A 204 -1.52 -28.08 24.04
N GLY A 205 -1.79 -28.48 22.80
CA GLY A 205 -1.43 -29.78 22.27
C GLY A 205 -0.32 -29.70 21.24
N ARG A 206 -0.25 -30.75 20.41
CA ARG A 206 0.75 -30.81 19.34
C ARG A 206 0.18 -30.46 17.97
N ASP A 207 -1.10 -30.71 17.76
CA ASP A 207 -1.76 -30.54 16.47
C ASP A 207 -2.47 -29.19 16.41
N PHE A 208 -2.76 -28.74 15.19
CA PHE A 208 -3.50 -27.51 15.02
C PHE A 208 -4.86 -27.63 15.72
N PRO A 209 -5.37 -26.57 16.35
CA PRO A 209 -6.68 -26.66 16.97
C PRO A 209 -7.75 -26.87 15.93
N GLN A 210 -8.77 -27.64 16.27
CA GLN A 210 -9.87 -27.88 15.35
C GLN A 210 -10.94 -26.87 15.75
N GLY A 211 -11.00 -25.81 14.96
CA GLY A 211 -11.86 -24.68 15.22
C GLY A 211 -11.54 -23.62 14.20
N PHE A 212 -12.30 -22.53 14.27
CA PHE A 212 -12.15 -21.42 13.34
C PHE A 212 -11.60 -20.21 14.09
N SER A 213 -10.67 -19.51 13.44
CA SER A 213 -10.15 -18.25 13.96
C SER A 213 -9.79 -17.38 12.76
N ALA A 214 -10.35 -16.19 12.71
CA ALA A 214 -10.11 -15.26 11.61
C ALA A 214 -8.96 -14.33 11.95
N LEU A 215 -8.22 -13.96 10.92
CA LEU A 215 -7.09 -13.05 11.07
C LEU A 215 -7.59 -11.62 11.01
N GLU A 216 -6.89 -10.73 11.72
CA GLU A 216 -7.21 -9.31 11.76
C GLU A 216 -6.19 -8.51 10.97
N PRO A 217 -6.56 -7.36 10.40
CA PRO A 217 -5.54 -6.50 9.76
C PRO A 217 -4.47 -6.09 10.76
N LEU A 218 -3.22 -6.14 10.32
CA LEU A 218 -2.09 -5.72 11.14
C LEU A 218 -1.46 -4.42 10.65
N VAL A 219 -1.13 -4.33 9.38
CA VAL A 219 -0.54 -3.08 8.89
C VAL A 219 -0.72 -3.01 7.39
N ASP A 220 -0.99 -1.79 6.89
CA ASP A 220 -1.13 -1.48 5.47
C ASP A 220 0.05 -0.61 5.08
N LEU A 221 0.96 -1.14 4.25
CA LEU A 221 2.18 -0.43 3.88
C LEU A 221 2.05 0.16 2.49
N PRO A 222 2.06 1.51 2.32
CA PRO A 222 1.92 2.14 0.98
C PRO A 222 3.23 2.17 0.19
N ILE A 223 3.68 1.02 -0.31
CA ILE A 223 5.04 0.92 -0.85
C ILE A 223 5.06 0.99 -2.38
N GLY A 224 4.17 0.28 -3.06
CA GLY A 224 4.28 0.21 -4.51
C GLY A 224 5.35 -0.76 -4.96
N ILE A 225 5.58 -1.80 -4.19
CA ILE A 225 6.64 -2.79 -4.44
C ILE A 225 6.13 -3.96 -5.26
N ASN A 226 6.94 -4.37 -6.23
CA ASN A 226 6.69 -5.55 -7.05
C ASN A 226 7.30 -6.74 -6.32
N ILE A 227 6.46 -7.65 -5.85
CA ILE A 227 6.88 -8.82 -5.08
C ILE A 227 6.49 -10.08 -5.84
N THR A 228 7.48 -10.90 -6.18
CA THR A 228 7.31 -12.16 -6.87
C THR A 228 7.93 -13.31 -6.09
N ARG A 229 8.90 -13.03 -5.22
CA ARG A 229 9.63 -14.02 -4.45
C ARG A 229 9.78 -13.49 -3.02
N PHE A 230 9.84 -14.42 -2.07
CA PHE A 230 10.11 -14.03 -0.69
C PHE A 230 10.84 -15.18 -0.02
N GLN A 231 11.45 -14.85 1.12
CA GLN A 231 12.19 -15.81 1.92
C GLN A 231 11.92 -15.55 3.40
N THR A 232 11.81 -16.63 4.15
CA THR A 232 11.65 -16.53 5.60
C THR A 232 13.02 -16.36 6.23
N LEU A 233 13.16 -15.36 7.09
CA LEU A 233 14.45 -15.07 7.71
C LEU A 233 14.48 -15.73 9.07
N LEU A 234 15.49 -16.55 9.30
CA LEU A 234 15.67 -17.29 10.54
C LEU A 234 16.78 -16.66 11.37
N ALA A 235 16.43 -16.23 12.58
CA ALA A 235 17.39 -15.64 13.51
C ALA A 235 18.04 -16.71 14.36
N LEU A 236 18.85 -17.53 13.70
CA LEU A 236 19.46 -18.67 14.35
C LEU A 236 20.75 -18.23 15.00
N ASN A 237 20.84 -18.43 16.32
CA ASN A 237 21.97 -17.96 17.11
C ASN A 237 23.11 -18.95 17.11
N ARG A 238 24.32 -18.41 17.32
CA ARG A 238 25.50 -19.23 17.60
C ARG A 238 25.48 -19.66 19.07
N SER A 239 25.69 -20.94 19.32
CA SER A 239 25.61 -21.50 20.67
C SER A 239 26.92 -21.19 21.42
N TYR A 240 27.12 -19.90 21.67
CA TYR A 240 28.31 -19.41 22.33
C TYR A 240 28.33 -19.79 23.80
N GLY A 249 28.28 -26.49 12.86
CA GLY A 249 28.77 -27.59 13.66
C GLY A 249 28.18 -27.67 15.06
N TRP A 250 27.55 -26.60 15.51
CA TRP A 250 26.97 -26.51 16.84
C TRP A 250 25.48 -26.86 16.81
N THR A 251 24.97 -27.30 17.97
CA THR A 251 23.56 -27.57 18.13
C THR A 251 22.79 -26.29 18.40
N ALA A 252 21.65 -26.14 17.74
CA ALA A 252 20.80 -24.96 17.91
C ALA A 252 19.34 -25.34 17.75
N GLY A 253 18.46 -24.46 18.24
CA GLY A 253 17.04 -24.76 18.27
C GLY A 253 16.42 -24.92 16.90
N ALA A 254 15.38 -25.75 16.85
CA ALA A 254 14.59 -26.07 15.67
C ALA A 254 13.58 -24.97 15.33
N ALA A 255 13.12 -24.98 14.08
CA ALA A 255 12.11 -24.04 13.60
C ALA A 255 11.19 -24.73 12.59
N ASP A 256 9.88 -24.59 12.80
CA ASP A 256 8.85 -25.09 11.90
C ASP A 256 8.05 -23.93 11.33
N TYR A 257 7.52 -24.13 10.12
CA TYR A 257 6.54 -23.17 9.60
C TYR A 257 5.74 -23.86 8.50
N TYR A 258 4.60 -23.24 8.18
CA TYR A 258 3.70 -23.69 7.12
C TYR A 258 3.50 -22.53 6.17
N VAL A 259 3.51 -22.83 4.87
CA VAL A 259 3.29 -21.82 3.83
C VAL A 259 2.22 -22.29 2.86
N GLY A 260 1.20 -21.45 2.66
CA GLY A 260 0.17 -21.72 1.68
C GLY A 260 0.04 -20.51 0.78
N TYR A 261 -0.74 -20.66 -0.29
CA TYR A 261 -0.94 -19.58 -1.25
C TYR A 261 -2.42 -19.23 -1.37
N LEU A 262 -2.68 -17.95 -1.59
CA LEU A 262 -4.03 -17.44 -1.73
C LEU A 262 -4.47 -17.55 -3.18
N GLN A 263 -5.77 -17.74 -3.36
CA GLN A 263 -6.38 -17.78 -4.68
C GLN A 263 -7.67 -16.96 -4.64
N PRO A 264 -8.11 -16.41 -5.77
CA PRO A 264 -9.41 -15.71 -5.77
C PRO A 264 -10.52 -16.71 -5.52
N ARG A 265 -11.32 -16.45 -4.50
CA ARG A 265 -12.41 -17.34 -4.13
C ARG A 265 -13.55 -16.53 -3.57
N THR A 266 -14.75 -17.11 -3.67
CA THR A 266 -15.96 -16.56 -3.07
C THR A 266 -16.24 -17.32 -1.78
N PHE A 267 -16.39 -16.58 -0.68
CA PHE A 267 -16.66 -17.13 0.63
C PHE A 267 -17.89 -16.51 1.26
N LEU A 268 -18.54 -17.31 2.12
CA LEU A 268 -19.54 -16.84 3.04
C LEU A 268 -18.84 -16.73 4.39
N LEU A 269 -19.04 -15.62 5.08
CA LEU A 269 -18.47 -15.34 6.39
C LEU A 269 -19.61 -15.11 7.37
N LYS A 270 -19.61 -15.84 8.49
CA LYS A 270 -20.65 -15.71 9.50
C LYS A 270 -20.14 -14.78 10.60
N TYR A 271 -20.75 -13.60 10.70
CA TYR A 271 -20.40 -12.61 11.71
C TYR A 271 -21.37 -12.77 12.88
N ASN A 272 -20.83 -12.95 14.07
CA ASN A 272 -21.64 -13.12 15.28
C ASN A 272 -22.01 -11.77 15.90
N GLU A 273 -22.57 -11.81 17.11
CA GLU A 273 -23.03 -10.60 17.78
C GLU A 273 -21.93 -9.59 18.05
N ASN A 274 -20.69 -10.03 18.25
CA ASN A 274 -19.58 -9.15 18.56
C ASN A 274 -18.78 -8.74 17.34
N GLY A 275 -19.23 -9.16 16.15
CA GLY A 275 -18.54 -8.89 14.90
C GLY A 275 -17.30 -9.72 14.68
N THR A 276 -17.19 -10.84 15.37
CA THR A 276 -16.06 -11.75 15.22
C THR A 276 -16.51 -12.83 14.25
N ILE A 277 -15.67 -13.15 13.28
CA ILE A 277 -16.02 -14.19 12.33
C ILE A 277 -15.81 -15.53 13.04
N THR A 278 -16.85 -16.36 13.04
CA THR A 278 -16.80 -17.66 13.72
C THR A 278 -16.88 -18.83 12.78
N ASP A 279 -17.23 -18.63 11.51
CA ASP A 279 -17.35 -19.72 10.57
C ASP A 279 -17.29 -19.13 9.17
N ALA A 280 -16.96 -20.01 8.21
CA ALA A 280 -16.93 -19.58 6.82
C ALA A 280 -17.13 -20.80 5.94
N VAL A 281 -17.73 -20.56 4.76
CA VAL A 281 -17.98 -21.58 3.76
C VAL A 281 -17.29 -21.16 2.47
N ASP A 282 -16.45 -22.04 1.95
CA ASP A 282 -15.75 -21.82 0.68
C ASP A 282 -16.68 -22.23 -0.44
N CYS A 283 -17.21 -21.26 -1.19
CA CYS A 283 -18.25 -21.59 -2.16
C CYS A 283 -17.72 -22.31 -3.38
N ALA A 284 -16.40 -22.41 -3.55
CA ALA A 284 -15.81 -23.12 -4.68
C ALA A 284 -15.51 -24.58 -4.37
N LEU A 285 -15.76 -25.04 -3.14
CA LEU A 285 -15.42 -26.40 -2.74
C LEU A 285 -16.62 -27.30 -2.87
N PHE B 1 -42.95 19.67 14.32
CA PHE B 1 -42.32 19.13 13.12
C PHE B 1 -40.80 19.26 13.17
N ARG B 2 -40.15 18.21 13.66
CA ARG B 2 -38.70 18.15 13.79
C ARG B 2 -38.14 16.90 13.13
N VAL B 3 -38.84 16.37 12.12
CA VAL B 3 -38.34 15.19 11.42
C VAL B 3 -37.18 15.59 10.54
N GLN B 4 -37.11 16.85 10.14
CA GLN B 4 -36.00 17.34 9.35
C GLN B 4 -34.84 17.61 10.30
N PRO B 5 -33.61 17.63 9.80
CA PRO B 5 -32.47 17.98 10.68
C PRO B 5 -32.68 19.33 11.35
N THR B 6 -32.32 19.39 12.62
CA THR B 6 -32.41 20.61 13.42
C THR B 6 -31.03 21.12 13.82
N GLU B 7 -29.96 20.49 13.34
CA GLU B 7 -28.59 20.82 13.69
C GLU B 7 -27.71 20.35 12.54
N SER B 8 -26.52 20.93 12.46
CA SER B 8 -25.54 20.55 11.46
C SER B 8 -24.22 20.36 12.21
N ILE B 9 -23.72 19.13 12.22
CA ILE B 9 -22.56 18.75 13.01
C ILE B 9 -21.49 18.22 12.09
N VAL B 10 -20.31 18.81 12.17
CA VAL B 10 -19.14 18.40 11.41
C VAL B 10 -18.11 17.88 12.40
N ARG B 11 -17.61 16.65 12.17
CA ARG B 11 -16.60 16.05 13.01
C ARG B 11 -15.44 15.54 12.18
N PHE B 12 -14.28 16.16 12.33
CA PHE B 12 -13.04 15.86 11.62
C PHE B 12 -11.90 15.69 12.61
N PRO B 13 -10.84 14.97 12.23
CA PRO B 13 -9.66 14.84 13.11
C PRO B 13 -8.99 16.17 13.43
N ASN B 14 -8.45 16.25 14.65
CA ASN B 14 -7.79 17.46 15.16
C ASN B 14 -6.32 17.48 14.72
N VAL B 15 -6.13 17.77 13.44
CA VAL B 15 -4.80 17.80 12.80
C VAL B 15 -4.47 19.23 12.40
N THR B 16 -3.36 19.74 12.91
CA THR B 16 -2.89 21.09 12.63
C THR B 16 -1.64 21.10 11.75
N ASN B 17 -1.22 19.94 11.25
CA ASN B 17 -0.03 19.79 10.43
C ASN B 17 -0.45 20.00 8.98
N LEU B 18 -0.04 21.12 8.39
CA LEU B 18 -0.47 21.41 7.02
C LEU B 18 0.23 20.46 6.06
N CYS B 19 -0.49 20.04 5.03
CA CYS B 19 0.09 19.14 4.03
C CYS B 19 1.20 19.84 3.25
N PRO B 20 2.35 19.17 3.01
CA PRO B 20 3.48 19.84 2.34
C PRO B 20 3.29 20.00 0.83
N PHE B 21 2.22 20.70 0.43
CA PHE B 21 2.02 20.94 -1.00
C PHE B 21 2.97 22.00 -1.52
N HIS B 22 3.32 22.97 -0.70
CA HIS B 22 4.24 24.02 -1.12
C HIS B 22 5.58 23.43 -1.52
N GLU B 23 6.10 22.53 -0.69
CA GLU B 23 7.42 21.95 -0.95
C GLU B 23 7.44 21.10 -2.22
N VAL B 24 6.40 20.32 -2.48
CA VAL B 24 6.42 19.52 -3.71
C VAL B 24 6.21 20.41 -4.93
N PHE B 25 5.36 21.43 -4.82
CA PHE B 25 5.15 22.32 -5.96
C PHE B 25 6.29 23.32 -6.14
N ASN B 26 6.92 23.77 -5.07
CA ASN B 26 7.96 24.80 -5.16
C ASN B 26 9.36 24.19 -5.09
N ALA B 27 9.49 22.92 -5.45
CA ALA B 27 10.80 22.26 -5.48
C ALA B 27 11.71 22.99 -6.45
N THR B 28 12.99 23.09 -6.09
CA THR B 28 13.94 23.78 -6.95
C THR B 28 14.06 23.09 -8.31
N ARG B 29 14.08 21.76 -8.31
CA ARG B 29 14.17 20.95 -9.52
C ARG B 29 13.15 19.83 -9.45
N PHE B 30 12.62 19.47 -10.62
CA PHE B 30 11.66 18.38 -10.77
C PHE B 30 12.32 17.22 -11.47
N ALA B 31 11.79 16.03 -11.22
CA ALA B 31 12.28 14.82 -11.86
C ALA B 31 11.85 14.74 -13.33
N SER B 32 12.66 14.03 -14.11
CA SER B 32 12.31 13.71 -15.49
C SER B 32 11.05 12.87 -15.52
N VAL B 33 10.24 13.05 -16.57
CA VAL B 33 8.98 12.32 -16.66
C VAL B 33 9.20 10.81 -16.74
N TYR B 34 10.30 10.37 -17.37
CA TYR B 34 10.54 8.92 -17.44
C TYR B 34 10.76 8.32 -16.07
N ALA B 35 11.18 9.13 -15.09
CA ALA B 35 11.48 8.70 -13.74
C ALA B 35 10.89 9.73 -12.77
N TRP B 36 9.58 9.94 -12.87
CA TRP B 36 8.93 11.00 -12.12
C TRP B 36 9.08 10.80 -10.61
N ASN B 37 8.97 11.90 -9.87
CA ASN B 37 9.15 11.88 -8.42
C ASN B 37 7.80 11.65 -7.76
N ARG B 38 7.62 10.46 -7.21
CA ARG B 38 6.38 10.05 -6.54
C ARG B 38 6.55 10.21 -5.04
N THR B 39 5.79 11.12 -4.44
CA THR B 39 5.82 11.35 -3.00
C THR B 39 4.43 11.02 -2.44
N ARG B 40 4.31 11.14 -1.12
CA ARG B 40 3.09 10.78 -0.41
C ARG B 40 2.73 11.85 0.60
N ILE B 41 1.45 12.23 0.59
CA ILE B 41 0.86 13.21 1.46
C ILE B 41 -0.13 12.47 2.36
N SER B 42 0.10 12.54 3.67
CA SER B 42 -0.72 11.87 4.67
C SER B 42 -0.52 12.57 6.01
N ASN B 43 -1.38 12.24 6.96
CA ASN B 43 -1.30 12.73 8.34
C ASN B 43 -1.17 14.25 8.40
N CYS B 44 -2.01 14.92 7.61
CA CYS B 44 -1.95 16.37 7.45
C CYS B 44 -3.34 16.87 7.07
N VAL B 45 -3.51 18.19 7.05
CA VAL B 45 -4.77 18.80 6.68
C VAL B 45 -4.66 19.29 5.23
N ALA B 46 -5.57 18.80 4.40
CA ALA B 46 -5.49 18.98 2.94
C ALA B 46 -6.13 20.29 2.50
N ASP B 47 -5.45 21.40 2.79
CA ASP B 47 -5.91 22.72 2.36
C ASP B 47 -5.40 22.96 0.94
N TYR B 48 -6.32 23.03 -0.04
CA TYR B 48 -5.95 23.17 -1.44
C TYR B 48 -6.01 24.60 -1.96
N SER B 49 -6.31 25.59 -1.12
CA SER B 49 -6.35 26.94 -1.67
C SER B 49 -4.94 27.45 -1.95
N VAL B 50 -3.94 26.83 -1.33
CA VAL B 50 -2.55 27.26 -1.50
C VAL B 50 -2.11 27.04 -2.94
N LEU B 51 -2.78 26.16 -3.66
CA LEU B 51 -2.36 25.87 -5.03
C LEU B 51 -2.59 27.09 -5.89
N TYR B 52 -3.61 27.88 -5.57
CA TYR B 52 -3.91 29.02 -6.42
C TYR B 52 -2.95 30.13 -6.05
N ASN B 53 -2.48 30.10 -4.80
CA ASN B 53 -1.46 31.04 -4.36
C ASN B 53 -0.13 30.67 -5.01
N PHE B 54 0.12 29.37 -5.23
CA PHE B 54 1.41 28.98 -5.78
C PHE B 54 1.67 29.53 -7.18
N ALA B 55 0.75 29.32 -8.12
CA ALA B 55 0.99 29.81 -9.47
C ALA B 55 -0.31 29.82 -10.27
N PRO B 56 -0.44 30.68 -11.29
CA PRO B 56 -1.49 30.47 -12.29
C PRO B 56 -1.23 29.14 -12.97
N PHE B 57 -2.30 28.40 -13.28
CA PHE B 57 -2.17 27.08 -13.88
C PHE B 57 -2.67 27.05 -15.31
N PHE B 58 -2.01 26.21 -16.11
CA PHE B 58 -2.45 25.95 -17.48
C PHE B 58 -3.72 25.11 -17.49
N ALA B 59 -3.76 24.06 -16.67
CA ALA B 59 -4.90 23.16 -16.60
C ALA B 59 -5.00 22.61 -15.19
N PHE B 60 -6.23 22.38 -14.73
CA PHE B 60 -6.44 21.75 -13.43
C PHE B 60 -7.12 20.40 -13.57
N LYS B 61 -8.13 20.30 -14.44
CA LYS B 61 -8.75 19.05 -14.87
C LYS B 61 -9.01 17.91 -13.86
N CYS B 62 -9.46 18.15 -12.63
CA CYS B 62 -9.80 17.00 -11.77
C CYS B 62 -10.74 16.00 -12.44
N TYR B 63 -10.42 14.71 -12.32
CA TYR B 63 -11.20 13.64 -12.93
C TYR B 63 -11.84 12.85 -11.80
N GLY B 64 -12.98 12.23 -12.08
CA GLY B 64 -13.63 11.45 -11.05
C GLY B 64 -14.26 12.45 -10.11
N VAL B 65 -13.47 12.99 -9.17
CA VAL B 65 -13.97 14.05 -8.30
C VAL B 65 -13.75 15.33 -9.11
N SER B 66 -14.63 15.53 -10.10
CA SER B 66 -14.49 16.67 -10.98
C SER B 66 -14.60 18.03 -10.28
N PRO B 67 -15.37 18.21 -9.20
CA PRO B 67 -15.33 19.52 -8.54
C PRO B 67 -13.94 19.79 -8.01
N THR B 68 -13.56 21.07 -8.05
CA THR B 68 -12.29 21.52 -7.52
C THR B 68 -12.42 21.97 -6.06
N LYS B 69 -13.64 21.91 -5.51
CA LYS B 69 -13.89 22.27 -4.12
C LYS B 69 -13.59 21.05 -3.25
N LEU B 70 -12.29 20.79 -3.10
CA LEU B 70 -11.76 19.60 -2.45
C LEU B 70 -11.60 19.78 -0.95
N ASN B 71 -11.92 20.96 -0.42
CA ASN B 71 -11.67 21.24 0.98
C ASN B 71 -12.64 20.54 1.92
N ASP B 72 -13.68 19.88 1.41
CA ASP B 72 -14.65 19.17 2.23
C ASP B 72 -14.42 17.67 2.28
N LEU B 73 -13.37 17.13 1.67
CA LEU B 73 -13.14 15.70 1.60
C LEU B 73 -11.97 15.25 2.47
N CYS B 74 -12.01 13.98 2.86
CA CYS B 74 -10.92 13.27 3.52
C CYS B 74 -10.56 12.02 2.76
N PHE B 75 -9.29 11.91 2.37
CA PHE B 75 -8.79 10.81 1.57
C PHE B 75 -7.99 9.90 2.49
N THR B 76 -7.99 8.59 2.19
CA THR B 76 -7.20 7.68 3.02
C THR B 76 -5.71 7.97 2.85
N ASN B 77 -5.28 8.16 1.61
CA ASN B 77 -3.91 8.48 1.28
C ASN B 77 -3.97 9.42 0.09
N VAL B 78 -3.00 10.33 0.00
CA VAL B 78 -2.85 11.18 -1.18
C VAL B 78 -1.44 11.00 -1.71
N TYR B 79 -1.32 10.76 -3.00
CA TYR B 79 -0.02 10.65 -3.63
C TYR B 79 0.17 11.83 -4.57
N ALA B 80 1.41 12.25 -4.77
CA ALA B 80 1.71 13.33 -5.69
C ALA B 80 2.85 12.89 -6.59
N ASP B 81 2.56 12.83 -7.88
CA ASP B 81 3.50 12.40 -8.90
C ASP B 81 3.91 13.66 -9.66
N SER B 82 5.16 14.09 -9.50
CA SER B 82 5.61 15.32 -10.12
C SER B 82 6.62 15.02 -11.21
N PHE B 83 6.53 15.79 -12.30
CA PHE B 83 7.41 15.63 -13.44
C PHE B 83 7.31 16.87 -14.31
N VAL B 84 8.26 17.01 -15.23
CA VAL B 84 8.25 18.06 -16.24
C VAL B 84 8.07 17.45 -17.63
N ILE B 85 7.08 17.95 -18.38
CA ILE B 85 6.83 17.54 -19.76
C ILE B 85 6.67 18.79 -20.60
N LYS B 86 6.71 18.61 -21.92
CA LYS B 86 6.50 19.78 -22.78
C LYS B 86 5.01 20.07 -22.94
N GLY B 87 4.71 21.31 -23.28
CA GLY B 87 3.32 21.74 -23.41
C GLY B 87 2.48 20.92 -24.37
N ASN B 88 3.07 20.52 -25.49
CA ASN B 88 2.29 19.76 -26.46
C ASN B 88 1.94 18.37 -25.97
N GLU B 89 2.53 17.92 -24.87
CA GLU B 89 2.25 16.61 -24.32
C GLU B 89 1.40 16.70 -23.06
N VAL B 90 0.97 17.90 -22.65
CA VAL B 90 0.18 18.00 -21.42
C VAL B 90 -1.12 17.24 -21.58
N SER B 91 -1.74 17.33 -22.75
CA SER B 91 -3.01 16.66 -22.99
C SER B 91 -2.87 15.14 -22.91
N GLN B 92 -1.64 14.61 -22.98
CA GLN B 92 -1.46 13.17 -22.91
C GLN B 92 -1.50 12.64 -21.49
N ILE B 93 -1.67 13.51 -20.48
CA ILE B 93 -1.72 13.04 -19.11
C ILE B 93 -3.14 12.61 -18.73
N ALA B 94 -4.14 12.94 -19.54
CA ALA B 94 -5.50 12.51 -19.24
C ALA B 94 -5.57 10.98 -19.28
N PRO B 95 -6.41 10.34 -18.44
CA PRO B 95 -6.45 8.87 -18.40
C PRO B 95 -6.62 8.14 -19.72
N GLY B 96 -7.44 8.65 -20.63
CA GLY B 96 -7.74 7.94 -21.86
C GLY B 96 -6.94 8.27 -23.09
N GLN B 97 -5.86 9.04 -22.98
CA GLN B 97 -5.09 9.47 -24.15
C GLN B 97 -3.90 8.55 -24.38
N THR B 98 -3.38 8.64 -25.60
CA THR B 98 -2.21 7.89 -26.06
C THR B 98 -1.17 8.88 -26.58
N GLY B 99 0.03 8.36 -26.81
CA GLY B 99 1.15 9.16 -27.26
C GLY B 99 2.42 8.81 -26.51
N ASN B 100 3.51 9.54 -26.78
CA ASN B 100 4.80 9.17 -26.21
C ASN B 100 4.82 9.17 -24.69
N ILE B 101 4.08 10.08 -24.07
CA ILE B 101 4.08 10.18 -22.61
C ILE B 101 3.03 9.25 -22.00
N ALA B 102 1.82 9.27 -22.53
CA ALA B 102 0.77 8.42 -21.99
C ALA B 102 1.17 6.95 -22.08
N ASP B 103 1.85 6.57 -23.15
CA ASP B 103 2.22 5.18 -23.39
C ASP B 103 3.60 4.76 -22.90
N TYR B 104 4.61 5.64 -22.89
CA TYR B 104 5.97 5.22 -22.55
C TYR B 104 6.58 5.88 -21.33
N ASN B 105 5.98 6.94 -20.77
CA ASN B 105 6.55 7.64 -19.63
C ASN B 105 5.66 7.69 -18.40
N TYR B 106 4.35 7.93 -18.56
CA TYR B 106 3.46 8.05 -17.41
C TYR B 106 2.04 7.68 -17.82
N LYS B 107 1.71 6.39 -17.72
CA LYS B 107 0.35 5.95 -17.99
C LYS B 107 -0.45 6.16 -16.72
N LEU B 108 -1.60 6.83 -16.82
CA LEU B 108 -2.45 7.09 -15.67
C LEU B 108 -3.61 6.09 -15.68
N PRO B 109 -4.13 5.51 -14.58
CA PRO B 109 -5.25 4.55 -14.71
C PRO B 109 -6.49 5.13 -15.38
N ASP B 110 -7.18 4.27 -16.12
CA ASP B 110 -8.40 4.68 -16.82
C ASP B 110 -9.48 5.16 -15.86
N ASP B 111 -9.50 4.64 -14.63
CA ASP B 111 -10.50 5.00 -13.62
C ASP B 111 -9.91 5.99 -12.59
N PHE B 112 -8.84 6.70 -12.97
CA PHE B 112 -8.20 7.66 -12.09
C PHE B 112 -9.17 8.74 -11.62
N THR B 113 -9.15 9.01 -10.32
CA THR B 113 -10.07 9.94 -9.66
C THR B 113 -9.41 11.23 -9.15
N GLY B 114 -8.16 11.52 -9.48
CA GLY B 114 -7.45 12.66 -8.92
C GLY B 114 -7.41 13.87 -9.83
N CYS B 115 -6.43 14.75 -9.59
CA CYS B 115 -6.30 16.02 -10.31
C CYS B 115 -4.93 16.17 -10.98
N VAL B 116 -4.94 16.66 -12.21
CA VAL B 116 -3.72 16.88 -13.01
C VAL B 116 -3.50 18.38 -13.12
N ILE B 117 -2.46 18.90 -12.47
CA ILE B 117 -2.19 20.32 -12.37
C ILE B 117 -0.96 20.62 -13.22
N ALA B 118 -1.09 21.55 -14.17
CA ALA B 118 -0.01 21.93 -15.08
C ALA B 118 0.36 23.39 -14.89
N TRP B 119 1.66 23.69 -14.86
CA TRP B 119 2.19 25.03 -14.62
C TRP B 119 3.28 25.34 -15.63
N ASN B 120 3.14 26.45 -16.36
CA ASN B 120 4.15 26.82 -17.35
C ASN B 120 5.42 27.29 -16.64
N SER B 121 6.56 26.64 -16.93
CA SER B 121 7.84 26.90 -16.28
C SER B 121 8.92 27.36 -17.26
N ASN B 122 8.53 28.02 -18.36
CA ASN B 122 9.51 28.40 -19.38
C ASN B 122 10.64 29.27 -18.86
N LYS B 123 10.39 30.12 -17.86
CA LYS B 123 11.43 30.99 -17.34
C LYS B 123 12.38 30.30 -16.35
N LEU B 124 12.04 29.10 -15.87
CA LEU B 124 12.82 28.40 -14.87
C LEU B 124 13.58 27.21 -15.42
N ASP B 125 12.96 26.44 -16.33
CA ASP B 125 13.51 25.18 -16.81
C ASP B 125 14.12 25.27 -18.20
N SER B 126 14.39 26.48 -18.72
CA SER B 126 14.99 26.64 -20.04
C SER B 126 16.26 27.47 -19.91
N LYS B 127 17.40 26.86 -20.25
CA LYS B 127 18.70 27.51 -20.17
C LYS B 127 19.04 28.13 -21.52
N HIS B 128 19.83 29.20 -21.47
CA HIS B 128 20.25 29.91 -22.69
C HIS B 128 20.88 28.94 -23.69
N SER B 129 21.81 28.10 -23.22
CA SER B 129 22.50 27.15 -24.07
C SER B 129 21.70 25.86 -24.28
N GLY B 130 20.56 25.73 -23.61
CA GLY B 130 19.67 24.58 -23.70
C GLY B 130 19.71 23.79 -22.41
N ASN B 131 18.53 23.41 -21.92
CA ASN B 131 18.42 22.60 -20.71
C ASN B 131 18.34 21.14 -21.14
N TYR B 132 19.39 20.37 -20.88
CA TYR B 132 19.46 18.97 -21.31
C TYR B 132 19.38 18.00 -20.13
N ASP B 133 18.90 18.47 -18.98
CA ASP B 133 18.80 17.65 -17.77
C ASP B 133 17.61 16.72 -17.81
N TYR B 134 16.56 17.09 -18.55
CA TYR B 134 15.30 16.36 -18.55
C TYR B 134 15.30 15.38 -19.71
N TRP B 135 14.83 14.16 -19.43
CA TRP B 135 14.77 13.08 -20.41
C TRP B 135 13.38 12.48 -20.41
N TYR B 136 12.97 11.94 -21.56
CA TYR B 136 11.73 11.19 -21.65
C TYR B 136 12.04 9.93 -22.44
N ARG B 137 11.27 8.88 -22.18
CA ARG B 137 11.46 7.63 -22.89
C ARG B 137 10.55 7.60 -24.11
N SER B 138 11.09 7.11 -25.22
CA SER B 138 10.34 6.94 -26.45
C SER B 138 10.24 5.51 -26.94
N LEU B 139 11.12 4.61 -26.50
CA LEU B 139 11.16 3.24 -27.00
C LEU B 139 11.00 2.24 -25.87
N ARG B 140 9.97 1.39 -25.99
CA ARG B 140 9.72 0.26 -25.10
C ARG B 140 9.24 -0.91 -25.95
N LYS B 141 9.35 -2.11 -25.39
CA LYS B 141 8.88 -3.31 -26.07
C LYS B 141 7.40 -3.57 -25.82
N SER B 142 6.78 -2.81 -24.92
CA SER B 142 5.37 -2.96 -24.59
C SER B 142 4.91 -1.63 -24.03
N LYS B 143 3.60 -1.45 -23.90
CA LYS B 143 3.11 -0.21 -23.34
C LYS B 143 3.27 -0.22 -21.82
N LEU B 144 3.47 0.96 -21.26
CA LEU B 144 3.67 1.11 -19.83
C LEU B 144 2.33 1.00 -19.10
N LYS B 145 2.32 0.24 -17.99
CA LYS B 145 1.12 0.07 -17.18
C LYS B 145 0.95 1.23 -16.19
N PRO B 146 -0.27 1.45 -15.70
CA PRO B 146 -0.50 2.59 -14.78
C PRO B 146 0.42 2.65 -13.56
N PHE B 147 0.98 3.84 -13.34
CA PHE B 147 1.87 4.21 -12.23
C PHE B 147 3.18 3.41 -12.11
N GLU B 148 3.62 2.68 -13.14
CA GLU B 148 4.93 2.03 -13.07
C GLU B 148 6.03 2.95 -13.57
N ARG B 149 7.20 2.88 -12.92
CA ARG B 149 8.36 3.66 -13.32
C ARG B 149 9.35 2.71 -13.98
N ASP B 150 9.58 2.89 -15.27
CA ASP B 150 10.55 2.08 -15.99
C ASP B 150 11.84 2.91 -15.99
N ILE B 151 12.80 2.52 -15.15
CA ILE B 151 14.00 3.32 -14.94
C ILE B 151 15.15 2.95 -15.88
N SER B 152 15.26 1.67 -16.25
CA SER B 152 16.42 1.19 -17.00
C SER B 152 16.63 1.96 -18.30
N THR B 153 17.91 2.20 -18.61
CA THR B 153 18.36 2.91 -19.80
C THR B 153 18.98 1.96 -20.82
N GLU B 154 18.79 0.66 -20.65
CA GLU B 154 19.34 -0.35 -21.54
C GLU B 154 18.91 -0.10 -22.98
N ILE B 155 19.89 -0.19 -23.90
CA ILE B 155 19.68 0.12 -25.31
C ILE B 155 18.55 -0.72 -25.89
N TYR B 156 17.71 -0.09 -26.70
CA TYR B 156 16.52 -0.74 -27.24
C TYR B 156 16.84 -1.60 -28.46
N GLN B 157 16.34 -2.83 -28.42
CA GLN B 157 16.58 -3.82 -29.47
C GLN B 157 16.02 -3.32 -30.79
N ALA B 158 16.72 -3.64 -31.88
CA ALA B 158 16.28 -3.25 -33.22
C ALA B 158 16.69 -4.31 -34.22
N GLY B 159 15.90 -4.41 -35.28
CA GLY B 159 16.15 -5.36 -36.36
C GLY B 159 16.14 -6.79 -35.87
N ASN B 160 17.09 -7.58 -36.35
CA ASN B 160 17.24 -8.98 -35.98
C ASN B 160 18.59 -9.27 -35.33
N LYS B 161 19.21 -8.28 -34.72
CA LYS B 161 20.54 -8.39 -34.13
C LYS B 161 20.46 -8.56 -32.63
N PRO B 162 21.51 -9.11 -31.99
CA PRO B 162 21.57 -9.04 -30.52
C PRO B 162 21.52 -7.62 -29.98
N CYS B 163 21.88 -6.64 -30.81
CA CYS B 163 21.85 -5.22 -30.46
C CYS B 163 22.85 -4.89 -29.35
N LYS B 164 24.12 -4.78 -29.74
CA LYS B 164 25.21 -4.44 -28.84
C LYS B 164 25.94 -3.28 -29.50
N GLY B 165 25.88 -2.11 -28.90
CA GLY B 165 26.41 -0.90 -29.47
C GLY B 165 25.30 -0.08 -30.12
N LYS B 166 25.52 1.23 -30.22
CA LYS B 166 24.53 2.16 -30.73
C LYS B 166 24.96 2.73 -32.09
N GLY B 167 23.95 3.03 -32.91
CA GLY B 167 24.13 3.73 -34.16
C GLY B 167 23.57 3.02 -35.38
N PRO B 168 24.17 1.88 -35.77
CA PRO B 168 23.70 1.18 -37.00
C PRO B 168 22.21 0.92 -37.07
N ASN B 169 21.59 0.51 -35.97
CA ASN B 169 20.15 0.29 -35.90
C ASN B 169 19.57 0.40 -34.50
N CYS B 170 20.42 0.38 -33.48
CA CYS B 170 20.00 0.41 -32.09
C CYS B 170 19.92 1.84 -31.61
N TYR B 171 19.10 2.09 -30.59
CA TYR B 171 18.86 3.44 -30.12
C TYR B 171 19.00 3.50 -28.61
N PHE B 172 19.39 4.67 -28.11
CA PHE B 172 19.36 4.91 -26.67
C PHE B 172 17.88 5.09 -26.32
N PRO B 173 17.37 4.46 -25.25
CA PRO B 173 15.91 4.55 -25.03
C PRO B 173 15.38 5.94 -24.72
N LEU B 174 16.22 6.87 -24.25
CA LEU B 174 15.77 8.22 -23.93
C LEU B 174 16.29 9.19 -25.00
N GLU B 175 15.49 10.22 -25.30
CA GLU B 175 15.85 11.20 -26.33
C GLU B 175 16.28 12.57 -25.79
N SER B 176 15.72 13.02 -24.66
CA SER B 176 15.95 14.35 -24.07
C SER B 176 15.16 15.49 -24.73
N TYR B 177 14.82 16.49 -23.91
CA TYR B 177 14.07 17.69 -24.29
C TYR B 177 14.92 18.96 -24.33
N GLY B 178 15.45 19.34 -25.49
CA GLY B 178 16.43 20.41 -25.41
C GLY B 178 15.54 21.63 -25.37
N PHE B 179 15.33 22.18 -24.17
CA PHE B 179 14.48 23.35 -24.02
C PHE B 179 15.23 24.63 -24.32
N ARG B 180 14.59 25.54 -25.05
CA ARG B 180 15.18 26.81 -25.44
C ARG B 180 14.26 27.95 -25.00
N PRO B 181 14.79 29.08 -24.50
CA PRO B 181 13.90 30.19 -24.16
C PRO B 181 13.12 30.76 -25.33
N THR B 182 13.57 30.53 -26.56
CA THR B 182 12.96 31.11 -27.75
C THR B 182 11.90 30.22 -28.39
N TYR B 183 11.60 29.05 -27.84
CA TYR B 183 10.57 28.21 -28.40
C TYR B 183 9.18 28.74 -28.08
N GLY B 184 8.23 28.43 -28.96
CA GLY B 184 6.85 28.77 -28.72
C GLY B 184 6.25 27.90 -27.63
N VAL B 185 5.03 28.28 -27.23
CA VAL B 185 4.38 27.68 -26.07
C VAL B 185 4.22 26.18 -26.23
N GLY B 186 4.03 25.71 -27.46
CA GLY B 186 3.87 24.28 -27.68
C GLY B 186 5.08 23.46 -27.26
N HIS B 187 6.27 24.06 -27.31
CA HIS B 187 7.52 23.38 -26.96
C HIS B 187 8.16 23.89 -25.67
N GLN B 188 7.44 24.69 -24.87
CA GLN B 188 7.98 25.16 -23.61
C GLN B 188 7.83 24.11 -22.52
N PRO B 189 8.70 24.09 -21.51
CA PRO B 189 8.53 23.13 -20.43
C PRO B 189 7.36 23.51 -19.53
N TYR B 190 6.67 22.48 -19.05
CA TYR B 190 5.61 22.60 -18.06
C TYR B 190 5.88 21.64 -16.93
N ARG B 191 5.65 22.12 -15.71
CA ARG B 191 5.77 21.30 -14.51
C ARG B 191 4.37 20.78 -14.21
N VAL B 192 4.22 19.46 -14.22
CA VAL B 192 2.94 18.81 -14.05
C VAL B 192 3.00 17.94 -12.81
N VAL B 193 2.01 18.11 -11.95
CA VAL B 193 1.85 17.34 -10.73
C VAL B 193 0.50 16.67 -10.78
N VAL B 194 0.48 15.35 -10.61
CA VAL B 194 -0.75 14.57 -10.60
C VAL B 194 -0.99 14.16 -9.16
N LEU B 195 -2.11 14.57 -8.62
CA LEU B 195 -2.49 14.29 -7.25
C LEU B 195 -3.48 13.14 -7.30
N SER B 196 -3.05 11.98 -6.82
CA SER B 196 -3.86 10.76 -6.86
C SER B 196 -4.59 10.64 -5.54
N PHE B 197 -5.91 10.54 -5.62
CA PHE B 197 -6.83 10.55 -4.50
C PHE B 197 -7.44 9.17 -4.31
N GLU B 198 -7.36 8.65 -3.10
CA GLU B 198 -7.99 7.38 -2.75
C GLU B 198 -9.23 7.69 -1.90
N LEU B 199 -10.41 7.67 -2.53
CA LEU B 199 -11.67 7.90 -1.84
C LEU B 199 -12.31 6.54 -1.60
N LEU B 200 -12.21 6.05 -0.35
CA LEU B 200 -12.67 4.72 0.03
C LEU B 200 -13.43 4.85 1.34
N HIS B 201 -14.44 5.73 1.35
CA HIS B 201 -15.07 6.18 2.60
C HIS B 201 -13.97 6.77 3.45
N ALA B 202 -13.69 6.27 4.67
CA ALA B 202 -12.64 6.87 5.46
C ALA B 202 -12.01 5.95 6.51
N PRO B 203 -11.38 4.83 6.11
CA PRO B 203 -10.69 3.99 7.12
C PRO B 203 -9.50 4.69 7.75
N ALA B 204 -9.01 5.74 7.10
CA ALA B 204 -7.91 6.60 7.49
C ALA B 204 -8.23 7.89 6.77
N THR B 205 -7.71 9.01 7.26
CA THR B 205 -8.04 10.28 6.63
C THR B 205 -6.88 11.25 6.44
N VAL B 206 -7.04 12.04 5.37
CA VAL B 206 -6.28 13.26 5.13
C VAL B 206 -7.35 14.30 4.81
N CYS B 207 -7.88 14.96 5.84
CA CYS B 207 -9.03 15.84 5.67
C CYS B 207 -8.66 17.27 5.37
N GLY B 208 -9.54 17.94 4.62
CA GLY B 208 -9.38 19.34 4.35
C GLY B 208 -9.62 20.18 5.60
N PRO B 209 -9.49 21.50 5.44
CA PRO B 209 -9.51 22.43 6.58
C PRO B 209 -10.91 22.71 7.12
N LYS B 210 -11.58 21.67 7.59
CA LYS B 210 -12.89 21.81 8.21
C LYS B 210 -12.73 21.97 9.72
N LYS B 211 -13.61 22.76 10.31
CA LYS B 211 -13.60 23.00 11.75
C LYS B 211 -14.63 22.12 12.44
N SER B 212 -14.16 21.19 13.27
CA SER B 212 -15.03 20.28 13.99
C SER B 212 -15.86 21.02 15.02
N THR B 213 -17.07 20.52 15.27
CA THR B 213 -17.97 21.06 16.28
C THR B 213 -18.36 19.97 17.28
N ASN B 214 -19.17 20.35 18.26
CA ASN B 214 -19.57 19.46 19.33
C ASN B 214 -20.65 18.49 18.86
N LEU B 215 -20.56 17.24 19.32
CA LEU B 215 -21.57 16.24 18.99
C LEU B 215 -22.90 16.54 19.67
N VAL B 216 -23.97 16.21 18.96
CA VAL B 216 -25.34 16.31 19.46
C VAL B 216 -25.95 14.92 19.32
N LYS B 217 -26.51 14.41 20.42
CA LYS B 217 -27.11 13.08 20.47
C LYS B 217 -28.60 13.16 20.77
N ASN B 218 -29.33 12.14 20.34
CA ASN B 218 -30.76 12.01 20.55
C ASN B 218 -31.55 13.12 19.84
N LYS B 219 -30.99 13.66 18.77
CA LYS B 219 -31.64 14.67 17.96
C LYS B 219 -31.45 14.29 16.50
N CYS B 220 -32.32 14.80 15.63
CA CYS B 220 -32.13 14.57 14.20
C CYS B 220 -31.07 15.57 13.74
N VAL B 221 -29.93 15.04 13.31
CA VAL B 221 -28.73 15.82 13.01
C VAL B 221 -28.24 15.55 11.60
N ASN B 222 -27.82 16.62 10.93
CA ASN B 222 -27.12 16.55 9.66
C ASN B 222 -25.64 16.40 10.02
N PHE B 223 -25.08 15.22 9.77
CA PHE B 223 -23.74 14.89 10.25
C PHE B 223 -22.78 14.68 9.10
N ASN B 224 -21.50 14.88 9.41
CA ASN B 224 -20.38 14.65 8.50
C ASN B 224 -19.22 14.13 9.33
N PHE B 225 -18.96 12.83 9.23
CA PHE B 225 -17.88 12.15 9.95
C PHE B 225 -16.82 11.80 8.91
N ASN B 226 -15.68 12.47 8.98
CA ASN B 226 -14.63 12.33 8.00
C ASN B 226 -15.19 12.55 6.59
N GLY B 227 -15.18 11.53 5.73
CA GLY B 227 -15.68 11.64 4.38
C GLY B 227 -17.09 11.15 4.19
N LEU B 228 -17.79 10.79 5.26
CA LEU B 228 -19.12 10.22 5.21
C LEU B 228 -20.13 11.24 5.73
N THR B 229 -21.15 11.51 4.94
CA THR B 229 -22.17 12.51 5.28
C THR B 229 -23.53 11.85 5.34
N GLY B 230 -24.47 12.53 5.99
CA GLY B 230 -25.82 12.01 6.02
C GLY B 230 -26.68 12.71 7.05
N THR B 231 -27.89 12.18 7.18
CA THR B 231 -28.90 12.67 8.11
C THR B 231 -29.33 11.53 9.02
N GLY B 232 -29.42 11.78 10.31
CA GLY B 232 -29.88 10.75 11.21
C GLY B 232 -29.77 11.17 12.66
N VAL B 233 -30.08 10.22 13.53
CA VAL B 233 -30.04 10.39 14.97
C VAL B 233 -28.86 9.61 15.49
N LEU B 234 -28.00 10.28 16.25
CA LEU B 234 -26.81 9.67 16.83
C LEU B 234 -27.17 9.16 18.22
N THR B 235 -26.82 7.91 18.51
CA THR B 235 -27.04 7.37 19.85
C THR B 235 -25.80 6.60 20.29
N LYS B 236 -25.65 6.46 21.60
CA LYS B 236 -24.56 5.65 22.12
C LYS B 236 -24.76 4.21 21.68
N SER B 237 -23.72 3.61 21.13
CA SER B 237 -23.77 2.23 20.67
C SER B 237 -23.22 1.28 21.71
N ASN B 238 -23.78 0.06 21.71
CA ASN B 238 -23.26 -1.03 22.53
C ASN B 238 -22.57 -2.08 21.65
N LYS B 239 -22.22 -1.71 20.43
CA LYS B 239 -21.52 -2.61 19.52
C LYS B 239 -20.04 -2.64 19.91
N LYS B 240 -19.42 -3.80 19.78
CA LYS B 240 -18.01 -3.97 20.09
C LYS B 240 -17.19 -3.95 18.80
N PHE B 241 -16.66 -2.78 18.47
CA PHE B 241 -15.83 -2.66 17.29
C PHE B 241 -14.43 -3.13 17.63
N LEU B 242 -13.75 -3.71 16.65
CA LEU B 242 -12.36 -4.06 16.86
C LEU B 242 -11.51 -2.80 16.79
N PRO B 243 -10.29 -2.80 17.39
CA PRO B 243 -9.45 -1.59 17.36
C PRO B 243 -9.18 -0.99 15.98
N PHE B 244 -9.37 -1.76 14.91
CA PHE B 244 -9.07 -1.31 13.57
C PHE B 244 -10.30 -0.89 12.75
N GLN B 245 -11.51 -1.08 13.28
CA GLN B 245 -12.74 -0.77 12.55
C GLN B 245 -13.17 0.67 12.82
N GLN B 246 -13.56 1.38 11.76
CA GLN B 246 -14.02 2.76 11.84
C GLN B 246 -15.51 2.97 11.61
N PHE B 247 -16.25 1.97 11.13
CA PHE B 247 -17.65 2.06 10.70
C PHE B 247 -18.38 0.76 10.97
N GLY B 248 -19.69 0.76 10.67
CA GLY B 248 -20.49 -0.45 10.72
C GLY B 248 -21.60 -0.43 9.68
N ARG B 249 -22.13 -1.62 9.42
CA ARG B 249 -23.18 -1.80 8.41
C ARG B 249 -24.32 -2.66 8.96
N ASP B 250 -25.51 -2.41 8.42
CA ASP B 250 -26.71 -3.15 8.74
C ASP B 250 -26.82 -4.40 7.87
N ILE B 251 -27.88 -5.18 8.06
CA ILE B 251 -28.12 -6.39 7.28
C ILE B 251 -28.35 -6.09 5.81
N VAL B 252 -28.63 -4.84 5.44
CA VAL B 252 -28.88 -4.41 4.07
C VAL B 252 -27.67 -3.66 3.49
N ASP B 253 -26.52 -3.76 4.16
CA ASP B 253 -25.25 -3.15 3.71
C ASP B 253 -25.29 -1.63 3.56
N THR B 254 -25.98 -0.95 4.49
CA THR B 254 -25.95 0.50 4.57
C THR B 254 -25.33 0.89 5.90
N THR B 255 -24.81 2.11 5.97
CA THR B 255 -24.12 2.58 7.16
C THR B 255 -25.10 2.65 8.33
N ASP B 256 -24.71 2.07 9.47
CA ASP B 256 -25.51 2.19 10.69
C ASP B 256 -24.71 2.59 11.91
N ALA B 257 -23.41 2.86 11.77
CA ALA B 257 -22.60 3.24 12.92
C ALA B 257 -21.33 3.88 12.43
N VAL B 258 -20.80 4.81 13.24
CA VAL B 258 -19.50 5.42 12.99
C VAL B 258 -18.68 5.50 14.26
N ARG B 259 -17.36 5.59 14.09
CA ARG B 259 -16.43 5.88 15.16
C ARG B 259 -16.11 7.38 15.11
N ASP B 260 -16.33 8.06 16.23
CA ASP B 260 -16.12 9.50 16.28
C ASP B 260 -14.64 9.86 16.08
N PRO B 261 -14.30 10.75 15.13
CA PRO B 261 -12.89 11.13 14.93
C PRO B 261 -12.11 11.66 16.13
N GLN B 262 -12.78 12.21 17.15
CA GLN B 262 -12.05 12.79 18.28
C GLN B 262 -12.01 11.92 19.52
N THR B 263 -13.08 11.17 19.80
CA THR B 263 -13.19 10.37 21.02
C THR B 263 -13.06 8.88 20.77
N LEU B 264 -13.24 8.44 19.53
CA LEU B 264 -13.23 7.03 19.15
C LEU B 264 -14.40 6.27 19.76
N GLU B 265 -15.41 6.99 20.25
CA GLU B 265 -16.63 6.35 20.75
C GLU B 265 -17.44 5.87 19.54
N ILE B 266 -18.08 4.72 19.68
CA ILE B 266 -18.91 4.19 18.62
C ILE B 266 -20.33 4.71 18.81
N LEU B 267 -20.88 5.30 17.75
CA LEU B 267 -22.22 5.85 17.73
C LEU B 267 -23.05 5.12 16.69
N ASP B 268 -24.30 4.83 17.03
CA ASP B 268 -25.23 4.24 16.08
C ASP B 268 -25.98 5.37 15.40
N ILE B 269 -26.38 5.14 14.15
CA ILE B 269 -27.12 6.09 13.35
C ILE B 269 -28.48 5.50 13.01
N THR B 270 -29.55 6.18 13.43
CA THR B 270 -30.92 5.79 13.11
C THR B 270 -31.51 6.82 12.16
N PRO B 271 -32.09 6.46 11.02
CA PRO B 271 -32.66 7.49 10.16
C PRO B 271 -33.81 8.20 10.85
N CYS B 272 -33.98 9.47 10.52
CA CYS B 272 -35.02 10.27 11.14
C CYS B 272 -36.38 9.91 10.57
C1 NAG C . 10.89 13.75 -4.40
C2 NAG C . 12.03 14.77 -4.34
C3 NAG C . 12.73 14.67 -3.00
C4 NAG C . 11.72 14.92 -1.89
C5 NAG C . 10.58 13.90 -2.01
C6 NAG C . 9.49 14.12 -1.00
C7 NAG C . 12.98 15.27 -6.55
C8 NAG C . 14.03 14.91 -7.56
N2 NAG C . 12.98 14.56 -5.42
O3 NAG C . 13.77 15.64 -2.94
O4 NAG C . 12.35 14.78 -0.62
O5 NAG C . 9.98 13.99 -3.31
O6 NAG C . 8.97 12.89 -0.52
O7 NAG C . 12.16 16.16 -6.76
C1 NAG C . 12.29 16.06 0.05
C2 NAG C . 12.70 15.86 1.51
C3 NAG C . 12.65 17.19 2.22
C4 NAG C . 13.58 18.18 1.52
C5 NAG C . 13.15 18.32 0.07
C6 NAG C . 14.08 19.20 -0.73
C7 NAG C . 12.03 13.56 2.08
C8 NAG C . 11.06 12.71 2.82
N2 NAG C . 11.85 14.89 2.17
O3 NAG C . 13.07 17.02 3.58
O4 NAG C . 13.51 19.45 2.16
O5 NAG C . 13.16 17.03 -0.57
O6 NAG C . 14.18 20.50 -0.16
O7 NAG C . 12.94 13.08 1.41
C1 NAG D . -5.08 -33.59 9.08
C2 NAG D . -3.58 -33.83 8.92
C3 NAG D . -3.00 -34.41 10.21
C4 NAG D . -3.33 -33.49 11.37
C5 NAG D . -4.85 -33.28 11.45
C6 NAG D . -5.25 -32.31 12.54
C7 NAG D . -2.20 -34.97 7.17
C8 NAG D . -2.26 -35.28 5.72
N2 NAG D . -3.36 -34.68 7.76
O3 NAG D . -1.60 -34.57 10.09
O4 NAG D . -2.87 -34.10 12.57
O5 NAG D . -5.34 -32.76 10.20
O6 NAG D . -6.67 -32.28 12.70
O7 NAG D . -1.13 -34.98 7.80
C1 NAG E . 1.67 -29.75 -3.23
C2 NAG E . 1.56 -31.21 -3.67
C3 NAG E . 2.93 -31.85 -3.59
C4 NAG E . 3.95 -31.04 -4.38
C5 NAG E . 3.96 -29.59 -3.91
C6 NAG E . 4.83 -28.71 -4.78
C7 NAG E . -0.59 -32.39 -3.43
C8 NAG E . -1.47 -33.15 -2.49
N2 NAG E . 0.58 -31.99 -2.93
O3 NAG E . 2.86 -33.20 -4.03
O4 NAG E . 5.24 -31.59 -4.17
O5 NAG E . 2.63 -29.03 -3.99
O6 NAG E . 4.74 -27.35 -4.38
O7 NAG E . -0.92 -32.14 -4.59
C1 NAG F . 7.36 -7.69 -11.42
C2 NAG F . 7.19 -6.96 -12.75
C3 NAG F . 6.78 -7.97 -13.82
C4 NAG F . 7.82 -9.06 -13.91
C5 NAG F . 7.99 -9.73 -12.54
C6 NAG F . 9.08 -10.77 -12.52
C7 NAG F . 6.55 -4.63 -12.34
C8 NAG F . 5.42 -3.65 -12.27
N2 NAG F . 6.22 -5.89 -12.65
O3 NAG F . 6.65 -7.31 -15.07
O4 NAG F . 7.43 -10.04 -14.86
O5 NAG F . 8.34 -8.73 -11.56
O6 NAG F . 10.36 -10.18 -12.78
O7 NAG F . 7.71 -4.31 -12.10
C1 NAG G . 14.63 -3.48 17.23
C2 NAG G . 15.70 -2.99 18.20
C3 NAG G . 15.58 -1.49 18.40
C4 NAG G . 15.69 -0.80 17.05
C5 NAG G . 14.60 -1.33 16.11
C6 NAG G . 14.69 -0.75 14.73
C7 NAG G . 16.47 -4.65 19.85
C8 NAG G . 16.24 -5.25 21.20
N2 NAG G . 15.62 -3.68 19.47
O3 NAG G . 16.60 -1.03 19.26
O4 NAG G . 15.54 0.61 17.20
O5 NAG G . 14.74 -2.76 15.98
O6 NAG G . 15.61 0.34 14.67
O7 NAG G . 17.39 -5.03 19.12
C1 NAG H . 20.31 5.04 -6.56
C2 NAG H . 21.56 4.26 -7.01
C3 NAG H . 22.32 5.09 -8.04
C4 NAG H . 21.42 5.42 -9.21
C5 NAG H . 20.21 6.20 -8.69
C6 NAG H . 19.21 6.53 -9.77
C7 NAG H . 22.49 2.79 -5.20
C8 NAG H . 21.54 1.71 -5.61
N2 NAG H . 22.44 3.96 -5.88
O3 NAG H . 23.45 4.34 -8.50
O4 NAG H . 22.12 6.23 -10.15
O5 NAG H . 19.52 5.40 -7.71
O6 NAG H . 19.80 7.29 -10.81
O7 NAG H . 23.29 2.63 -4.29
C1 NAG I . 21.40 -20.43 21.20
C2 NAG I . 21.56 -20.14 22.69
C3 NAG I . 21.34 -21.42 23.49
C4 NAG I . 19.97 -21.97 23.18
C5 NAG I . 19.85 -22.23 21.68
C6 NAG I . 18.48 -22.71 21.26
C7 NAG I . 23.10 -18.28 23.14
C8 NAG I . 24.53 -17.89 23.43
N2 NAG I . 22.88 -19.58 22.98
O3 NAG I . 21.46 -21.14 24.88
O4 NAG I . 19.76 -23.20 23.88
O5 NAG I . 20.08 -21.00 20.97
O6 NAG I . 18.21 -22.39 19.90
O7 NAG I . 22.21 -17.44 23.06
C1 NAG J . -20.81 -11.49 22.28
C2 NAG J . -20.86 -12.92 22.72
C3 NAG J . -19.77 -13.13 23.77
C4 NAG J . -19.30 -11.77 24.26
C5 NAG J . -20.50 -10.84 24.53
C6 NAG J . -20.10 -9.46 25.00
C7 NAG J . -23.15 -13.75 22.43
C8 NAG J . -24.46 -14.05 23.08
N2 NAG J . -22.18 -13.27 23.22
O3 NAG J . -18.69 -13.87 23.22
O4 NAG J . -18.65 -11.95 25.50
O5 NAG J . -21.29 -10.66 23.33
O6 NAG J . -18.82 -9.47 25.59
O7 NAG J . -22.97 -13.90 21.22
C1 NAG K . -6.98 15.06 19.46
C2 NAG K . -7.75 15.18 20.78
C3 NAG K . -7.39 13.99 21.67
C4 NAG K . -7.71 12.70 20.95
C5 NAG K . -6.96 12.64 19.63
C6 NAG K . -7.28 11.42 18.80
C7 NAG K . -8.30 17.03 22.27
C8 NAG K . -7.82 18.32 22.87
N2 NAG K . -7.45 16.43 21.44
O3 NAG K . -8.13 14.08 22.89
O4 NAG K . -7.35 11.58 21.75
O5 NAG K . -7.29 13.79 18.83
O6 NAG K . -7.27 10.24 19.59
O7 NAG K . -9.41 16.57 22.53
C1 NAG L . 9.38 29.17 -3.49
C2 NAG L . 8.46 30.28 -2.96
C3 NAG L . 9.10 31.63 -3.19
C4 NAG L . 10.46 31.66 -2.50
C5 NAG L . 11.32 30.52 -3.03
C6 NAG L . 12.66 30.41 -2.35
C7 NAG L . 6.95 30.28 -4.92
C8 NAG L . 5.52 30.22 -5.37
N2 NAG L . 7.14 30.22 -3.60
O3 NAG L . 8.27 32.65 -2.66
O4 NAG L . 11.11 32.90 -2.75
O5 NAG L . 10.65 29.26 -2.83
O6 NAG L . 13.29 31.68 -2.23
O7 NAG L . 7.88 30.40 -5.70
#